data_3LL9
#
_entry.id   3LL9
#
_cell.length_a   119.672
_cell.length_b   96.360
_cell.length_c   72.430
_cell.angle_alpha   90.000
_cell.angle_beta   120.590
_cell.angle_gamma   90.000
#
_symmetry.space_group_name_H-M   'C 1 2 1'
#
loop_
_entity.id
_entity.type
_entity.pdbx_description
1 polymer 'Isopentenyl phosphate kinase'
2 non-polymer "ADENOSINE-5'-DIPHOSPHATE"
3 non-polymer GLYCEROL
4 water water
#
_entity_poly.entity_id   1
_entity_poly.type   'polypeptide(L)'
_entity_poly.pdbx_seq_one_letter_code
;GSH(MSE)IILKLGGSVITRKDSEEPAIDRDNLERIASEIGNASPSSL(MSE)IVHGAGSFGHPFAGEYRIGSEIENEED
LRRRRFGFALTQNWVKKLNSHVCDALLAEGIPAVS(MSE)QPSAFIRAHAGRISHADISLIRSYLEEG(MSE)VPVVYGD
VVLDSDRRLKFSVISGDQLINHFSLRL(MSE)PERVILGTDVDGVYTRNPKKHPDARLLDVIGSLDDLESLDGTLNTDVT
GG(MSE)VGKIRELLLLAEKGVESEIINAAVPGNIERALLGEEVRGTRITGKH
;
_entity_poly.pdbx_strand_id   A,B
#
loop_
_chem_comp.id
_chem_comp.type
_chem_comp.name
_chem_comp.formula
ADP non-polymer ADENOSINE-5'-DIPHOSPHATE 'C10 H15 N5 O10 P2'
GOL non-polymer GLYCEROL 'C3 H8 O3'
#
# COMPACT_ATOMS: atom_id res chain seq x y z
N HIS A 3 10.36 23.84 -7.60
CA HIS A 3 11.43 23.08 -8.37
C HIS A 3 10.96 21.66 -8.73
N MSE A 4 9.81 21.28 -8.17
CA MSE A 4 9.36 19.90 -8.19
C MSE A 4 8.72 19.54 -9.51
O MSE A 4 8.27 20.42 -10.24
CB MSE A 4 8.33 19.66 -7.08
CG MSE A 4 7.66 18.30 -7.12
SE MSE A 4 6.07 18.60 -6.10
CE MSE A 4 6.67 20.08 -4.98
N ILE A 5 8.68 18.26 -9.82
CA ILE A 5 8.09 17.77 -11.04
C ILE A 5 7.23 16.57 -10.71
N ILE A 6 6.07 16.51 -11.31
CA ILE A 6 5.22 15.35 -11.21
C ILE A 6 5.25 14.67 -12.53
N LEU A 7 5.51 13.38 -12.55
CA LEU A 7 5.67 12.68 -13.79
C LEU A 7 4.67 11.55 -13.80
N LYS A 8 3.84 11.43 -14.86
CA LYS A 8 3.03 10.19 -15.04
C LYS A 8 3.62 9.22 -16.00
N LEU A 9 3.52 7.93 -15.69
CA LEU A 9 3.93 6.86 -16.56
C LEU A 9 2.68 6.12 -16.90
N GLY A 10 2.30 6.14 -18.19
CA GLY A 10 0.99 5.67 -18.61
C GLY A 10 0.98 4.18 -18.44
N GLY A 11 -0.14 3.60 -18.04
CA GLY A 11 -0.22 2.16 -17.90
C GLY A 11 0.14 1.41 -19.19
N SER A 12 -0.16 1.95 -20.39
CA SER A 12 0.07 1.25 -21.68
C SER A 12 1.57 1.10 -21.90
N VAL A 13 2.31 2.18 -21.62
CA VAL A 13 3.78 2.14 -21.63
C VAL A 13 4.44 1.10 -20.73
N ILE A 14 3.97 0.95 -19.47
CA ILE A 14 4.70 0.07 -18.53
C ILE A 14 4.18 -1.32 -18.34
N THR A 15 3.02 -1.61 -18.88
CA THR A 15 2.48 -2.96 -18.85
CA THR A 15 2.44 -2.94 -18.86
C THR A 15 2.23 -3.42 -20.30
N ARG A 16 1.91 -4.69 -20.45
CA ARG A 16 1.58 -5.24 -21.75
C ARG A 16 0.36 -6.17 -21.61
N LYS A 17 -0.60 -6.03 -22.51
CA LYS A 17 -1.74 -6.92 -22.52
C LYS A 17 -1.24 -7.99 -23.45
N ASP A 18 -1.22 -9.24 -23.01
CA ASP A 18 -0.31 -10.17 -23.65
C ASP A 18 -0.06 -11.44 -22.92
N SER A 19 -0.94 -11.77 -22.02
CA SER A 19 -0.74 -13.00 -21.30
C SER A 19 -2.06 -13.31 -20.65
N GLU A 20 -2.20 -14.57 -20.23
CA GLU A 20 -3.31 -14.90 -19.38
C GLU A 20 -3.23 -13.95 -18.17
N GLU A 21 -2.02 -13.84 -17.61
CA GLU A 21 -1.71 -13.06 -16.42
C GLU A 21 -1.34 -11.62 -16.76
N PRO A 22 -1.70 -10.65 -15.89
CA PRO A 22 -1.19 -9.30 -16.17
C PRO A 22 0.32 -9.37 -16.16
N ALA A 23 0.99 -8.49 -16.89
CA ALA A 23 2.43 -8.49 -16.82
C ALA A 23 3.02 -7.14 -17.20
N ILE A 24 4.19 -6.93 -16.65
CA ILE A 24 4.93 -5.71 -16.89
C ILE A 24 5.59 -5.73 -18.26
N ASP A 25 5.74 -4.54 -18.80
CA ASP A 25 6.65 -4.34 -19.87
C ASP A 25 8.05 -4.13 -19.31
N ARG A 26 8.71 -5.24 -18.97
CA ARG A 26 9.99 -5.08 -18.28
C ARG A 26 10.95 -4.12 -18.99
N ASP A 27 11.07 -4.19 -20.33
CA ASP A 27 12.01 -3.33 -21.01
C ASP A 27 11.71 -1.83 -20.95
N ASN A 28 10.46 -1.44 -21.14
CA ASN A 28 10.15 -0.03 -20.94
C ASN A 28 10.39 0.42 -19.52
N LEU A 29 10.02 -0.44 -18.59
CA LEU A 29 9.99 0.02 -17.20
C LEU A 29 11.41 0.21 -16.66
N GLU A 30 12.26 -0.81 -16.81
CA GLU A 30 13.68 -0.65 -16.36
C GLU A 30 14.33 0.47 -17.15
N ARG A 31 13.97 0.65 -18.41
CA ARG A 31 14.62 1.71 -19.17
C ARG A 31 14.23 3.06 -18.59
N ILE A 32 12.93 3.22 -18.33
CA ILE A 32 12.40 4.47 -17.77
C ILE A 32 13.00 4.74 -16.38
N ALA A 33 13.11 3.72 -15.54
CA ALA A 33 13.78 3.85 -14.25
C ALA A 33 15.19 4.38 -14.45
N SER A 34 15.89 3.79 -15.40
CA SER A 34 17.27 4.18 -15.64
C SER A 34 17.33 5.64 -16.09
N GLU A 35 16.40 6.05 -16.96
CA GLU A 35 16.36 7.45 -17.38
C GLU A 35 16.07 8.43 -16.23
N ILE A 36 15.19 8.04 -15.31
CA ILE A 36 14.87 8.91 -14.17
C ILE A 36 16.13 8.94 -13.30
N GLY A 37 16.73 7.79 -13.12
CA GLY A 37 18.00 7.74 -12.42
C GLY A 37 18.99 8.71 -13.04
N ASN A 38 19.15 8.71 -14.36
CA ASN A 38 20.24 9.48 -14.95
C ASN A 38 19.95 10.95 -14.78
N ALA A 39 18.68 11.34 -14.92
CA ALA A 39 18.30 12.75 -14.78
C ALA A 39 18.37 13.28 -13.35
N SER A 40 18.17 12.41 -12.37
CA SER A 40 18.26 12.85 -10.96
C SER A 40 17.53 14.18 -10.73
N PRO A 41 16.22 14.18 -11.00
CA PRO A 41 15.51 15.40 -10.65
C PRO A 41 15.63 15.61 -9.11
N SER A 42 15.76 16.87 -8.69
CA SER A 42 16.03 17.15 -7.31
C SER A 42 14.78 16.94 -6.46
N SER A 43 13.60 17.09 -7.06
CA SER A 43 12.35 16.87 -6.33
C SER A 43 11.33 16.22 -7.25
N LEU A 44 10.92 14.99 -6.98
CA LEU A 44 10.01 14.33 -7.94
C LEU A 44 8.92 13.53 -7.29
N MSE A 45 7.76 13.56 -7.91
CA MSE A 45 6.73 12.63 -7.59
C MSE A 45 6.28 11.90 -8.86
O MSE A 45 6.14 12.54 -9.89
CB MSE A 45 5.56 13.44 -7.03
CG MSE A 45 4.28 12.78 -7.14
SE MSE A 45 2.86 13.80 -5.96
CE MSE A 45 1.57 12.54 -6.43
N ILE A 46 5.97 10.63 -8.75
CA ILE A 46 5.50 9.87 -9.90
C ILE A 46 4.04 9.41 -9.65
N VAL A 47 3.20 9.56 -10.68
CA VAL A 47 1.94 8.82 -10.78
C VAL A 47 2.09 7.71 -11.85
N HIS A 48 1.54 6.52 -11.66
CA HIS A 48 1.50 5.61 -12.81
C HIS A 48 0.15 5.00 -12.97
N GLY A 49 -0.12 4.64 -14.22
CA GLY A 49 -1.38 4.00 -14.60
C GLY A 49 -1.30 2.55 -14.18
N ALA A 50 -2.43 1.85 -14.21
CA ALA A 50 -2.47 0.44 -13.85
C ALA A 50 -2.37 -0.47 -15.08
N GLY A 51 -2.65 0.11 -16.24
CA GLY A 51 -2.64 -0.61 -17.51
C GLY A 51 -3.37 -1.93 -17.39
N SER A 52 -2.77 -3.01 -17.85
CA SER A 52 -3.40 -4.32 -17.74
C SER A 52 -3.48 -4.94 -16.32
N PHE A 53 -2.92 -4.31 -15.29
CA PHE A 53 -3.16 -4.82 -13.92
C PHE A 53 -4.52 -4.24 -13.44
N GLY A 54 -5.01 -3.22 -14.12
CA GLY A 54 -6.22 -2.51 -13.64
C GLY A 54 -7.53 -2.71 -14.41
N HIS A 55 -7.66 -2.06 -15.56
CA HIS A 55 -8.85 -2.21 -16.40
C HIS A 55 -9.50 -3.63 -16.52
N PRO A 56 -8.73 -4.67 -16.80
CA PRO A 56 -9.38 -6.00 -16.83
C PRO A 56 -10.24 -6.34 -15.62
N PHE A 57 -9.78 -6.04 -14.41
CA PHE A 57 -10.57 -6.46 -13.26
C PHE A 57 -11.66 -5.45 -13.00
N ALA A 58 -11.30 -4.18 -13.08
CA ALA A 58 -12.27 -3.15 -12.89
C ALA A 58 -13.44 -3.44 -13.85
N GLY A 59 -13.15 -3.71 -15.14
CA GLY A 59 -14.15 -4.01 -16.17
C GLY A 59 -15.05 -5.19 -15.84
N GLU A 60 -14.47 -6.38 -15.63
CA GLU A 60 -15.16 -7.58 -15.13
C GLU A 60 -16.18 -7.32 -14.03
N TYR A 61 -15.93 -6.31 -13.17
CA TYR A 61 -16.74 -6.11 -11.99
C TYR A 61 -17.54 -4.84 -12.11
N ARG A 62 -17.33 -4.08 -13.21
CA ARG A 62 -18.09 -2.86 -13.46
C ARG A 62 -17.93 -1.80 -12.37
N ILE A 63 -16.71 -1.63 -11.85
CA ILE A 63 -16.51 -0.70 -10.75
C ILE A 63 -16.65 0.77 -11.12
N GLY A 64 -17.40 1.47 -10.28
CA GLY A 64 -17.74 2.86 -10.53
C GLY A 64 -18.99 3.01 -11.41
N SER A 65 -19.73 1.92 -11.61
CA SER A 65 -21.01 2.04 -12.26
C SER A 65 -22.08 1.67 -11.21
N GLU A 66 -23.36 1.93 -11.54
CA GLU A 66 -24.42 1.96 -10.52
C GLU A 66 -24.80 0.57 -10.01
N ILE A 67 -24.97 0.42 -8.70
CA ILE A 67 -25.33 -0.87 -8.12
C ILE A 67 -26.84 -1.11 -7.93
N GLU A 68 -27.42 -2.11 -8.60
CA GLU A 68 -28.84 -2.49 -8.39
C GLU A 68 -29.07 -3.46 -7.24
N ASN A 69 -28.51 -4.66 -7.39
CA ASN A 69 -28.78 -5.80 -6.53
C ASN A 69 -27.75 -5.92 -5.37
N GLU A 70 -28.13 -6.55 -4.27
CA GLU A 70 -27.19 -6.87 -3.20
C GLU A 70 -26.26 -8.01 -3.62
N GLU A 71 -26.59 -8.64 -4.76
CA GLU A 71 -25.69 -9.59 -5.38
C GLU A 71 -24.63 -8.78 -6.10
N ASP A 72 -25.12 -7.71 -6.74
CA ASP A 72 -24.30 -6.69 -7.42
C ASP A 72 -23.32 -6.08 -6.42
N LEU A 73 -23.82 -5.92 -5.21
CA LEU A 73 -23.12 -5.22 -4.17
C LEU A 73 -21.99 -6.08 -3.72
N ARG A 74 -22.34 -7.17 -3.05
CA ARG A 74 -21.40 -8.19 -2.62
C ARG A 74 -20.33 -8.53 -3.64
N ARG A 75 -20.67 -8.45 -4.91
CA ARG A 75 -19.74 -8.82 -5.95
C ARG A 75 -18.70 -7.76 -6.21
N ARG A 76 -19.19 -6.53 -6.29
CA ARG A 76 -18.39 -5.38 -6.59
C ARG A 76 -17.41 -5.19 -5.42
N ARG A 77 -17.81 -5.62 -4.21
CA ARG A 77 -16.95 -5.58 -3.02
C ARG A 77 -15.76 -6.45 -3.24
N PHE A 78 -16.03 -7.66 -3.71
CA PHE A 78 -14.99 -8.60 -3.82
C PHE A 78 -14.07 -8.13 -4.90
N GLY A 79 -14.64 -7.53 -5.91
CA GLY A 79 -13.84 -7.10 -7.01
C GLY A 79 -13.00 -5.91 -6.60
N PHE A 80 -13.51 -5.05 -5.72
CA PHE A 80 -12.75 -3.85 -5.28
C PHE A 80 -11.40 -4.35 -4.69
N ALA A 81 -11.54 -5.34 -3.84
CA ALA A 81 -10.44 -5.95 -3.13
C ALA A 81 -9.46 -6.61 -4.13
N LEU A 82 -10.02 -7.40 -5.04
CA LEU A 82 -9.20 -8.05 -6.06
C LEU A 82 -8.47 -7.01 -6.92
N THR A 83 -9.19 -6.01 -7.38
CA THR A 83 -8.52 -5.02 -8.19
C THR A 83 -7.37 -4.30 -7.43
N GLN A 84 -7.58 -3.99 -6.15
N GLN A 84 -7.60 -3.99 -6.14
CA GLN A 84 -6.64 -3.14 -5.44
CA GLN A 84 -6.71 -3.20 -5.29
C GLN A 84 -5.35 -3.94 -5.26
C GLN A 84 -5.38 -3.94 -5.23
N ASN A 85 -5.46 -5.21 -4.91
CA ASN A 85 -4.31 -6.09 -4.86
C ASN A 85 -3.52 -6.13 -6.19
N TRP A 86 -4.24 -6.25 -7.32
CA TRP A 86 -3.52 -6.39 -8.57
C TRP A 86 -2.77 -5.14 -8.84
N VAL A 87 -3.37 -3.99 -8.60
CA VAL A 87 -2.69 -2.74 -8.97
C VAL A 87 -1.52 -2.44 -7.92
N LYS A 88 -1.66 -2.98 -6.69
CA LYS A 88 -0.58 -2.89 -5.67
C LYS A 88 0.69 -3.70 -6.18
N LYS A 89 0.45 -4.90 -6.70
CA LYS A 89 1.55 -5.72 -7.30
C LYS A 89 2.23 -5.00 -8.41
N LEU A 90 1.47 -4.38 -9.29
CA LEU A 90 2.16 -3.54 -10.28
C LEU A 90 3.03 -2.50 -9.59
N ASN A 91 2.44 -1.75 -8.65
CA ASN A 91 3.23 -0.65 -8.05
C ASN A 91 4.51 -1.22 -7.42
N SER A 92 4.41 -2.41 -6.89
CA SER A 92 5.57 -3.05 -6.27
C SER A 92 6.63 -3.33 -7.33
N HIS A 93 6.19 -3.63 -8.55
CA HIS A 93 7.16 -3.83 -9.68
C HIS A 93 7.76 -2.52 -10.04
N VAL A 94 6.92 -1.49 -10.08
CA VAL A 94 7.42 -0.16 -10.43
C VAL A 94 8.51 0.27 -9.40
N CYS A 95 8.19 0.14 -8.11
CA CYS A 95 9.15 0.48 -7.08
C CYS A 95 10.46 -0.44 -7.20
N ASP A 96 10.31 -1.74 -7.44
CA ASP A 96 11.50 -2.58 -7.59
C ASP A 96 12.36 -1.88 -8.57
N ALA A 97 11.74 -1.43 -9.67
CA ALA A 97 12.52 -1.02 -10.83
C ALA A 97 13.16 0.30 -10.45
N LEU A 98 12.47 1.10 -9.65
CA LEU A 98 13.05 2.41 -9.28
C LEU A 98 14.21 2.22 -8.30
N LEU A 99 14.05 1.21 -7.46
CA LEU A 99 14.92 1.00 -6.32
C LEU A 99 16.23 0.41 -6.92
N ALA A 100 16.06 -0.40 -7.98
CA ALA A 100 17.21 -1.07 -8.62
C ALA A 100 18.07 0.01 -9.18
N GLU A 101 17.49 1.19 -9.39
CA GLU A 101 18.29 2.35 -9.83
C GLU A 101 18.76 3.24 -8.70
N GLY A 102 18.54 2.86 -7.44
CA GLY A 102 19.01 3.67 -6.30
C GLY A 102 18.09 4.86 -5.95
N ILE A 103 16.83 4.76 -6.36
CA ILE A 103 15.91 5.92 -6.26
C ILE A 103 15.08 5.65 -5.05
N PRO A 104 15.04 6.57 -4.07
CA PRO A 104 14.25 6.28 -2.85
C PRO A 104 12.74 6.50 -3.09
N ALA A 105 12.11 5.53 -3.76
CA ALA A 105 10.70 5.64 -4.13
C ALA A 105 9.81 4.96 -3.10
N VAL A 106 8.78 5.70 -2.67
CA VAL A 106 7.90 5.22 -1.64
C VAL A 106 6.45 5.30 -2.16
N SER A 107 5.79 4.17 -2.25
CA SER A 107 4.44 4.16 -2.68
C SER A 107 3.53 4.78 -1.62
N MSE A 108 2.47 5.41 -2.13
CA MSE A 108 1.32 5.78 -1.34
C MSE A 108 0.01 5.32 -1.93
O MSE A 108 -0.62 6.02 -2.73
CB MSE A 108 1.32 7.27 -1.07
CG MSE A 108 2.10 7.47 0.39
SE MSE A 108 2.21 9.28 0.37
CE MSE A 108 0.47 9.46 1.28
N GLN A 109 -0.43 4.17 -1.44
CA GLN A 109 -1.58 3.52 -1.95
C GLN A 109 -2.79 4.49 -1.80
N PRO A 110 -3.37 4.93 -2.93
CA PRO A 110 -4.57 5.79 -2.91
C PRO A 110 -5.74 5.27 -2.09
N SER A 111 -6.07 4.02 -2.22
CA SER A 111 -7.14 3.50 -1.49
C SER A 111 -6.84 3.48 0.05
N ALA A 112 -5.65 3.93 0.49
CA ALA A 112 -5.43 4.01 1.92
C ALA A 112 -5.59 5.43 2.41
N PHE A 113 -5.67 6.49 1.57
CA PHE A 113 -5.89 7.85 2.08
C PHE A 113 -6.79 8.73 1.15
N ILE A 114 -7.39 8.21 0.08
CA ILE A 114 -8.09 9.07 -0.82
C ILE A 114 -9.49 8.54 -0.94
N ARG A 115 -10.43 9.46 -1.07
CA ARG A 115 -11.83 9.09 -1.28
C ARG A 115 -12.32 9.71 -2.55
N ALA A 116 -13.39 9.14 -3.11
CA ALA A 116 -14.04 9.75 -4.24
C ALA A 116 -15.52 10.06 -3.95
N HIS A 117 -16.08 10.94 -4.76
CA HIS A 117 -17.53 11.19 -4.75
C HIS A 117 -17.96 11.35 -6.18
N ALA A 118 -18.85 10.45 -6.52
CA ALA A 118 -19.34 10.31 -7.86
C ALA A 118 -18.15 10.20 -8.87
N GLY A 119 -17.10 9.44 -8.55
CA GLY A 119 -16.02 9.20 -9.52
C GLY A 119 -15.01 10.32 -9.53
N ARG A 120 -15.25 11.39 -8.77
CA ARG A 120 -14.26 12.43 -8.67
C ARG A 120 -13.51 12.30 -7.33
N ILE A 121 -12.27 12.78 -7.29
CA ILE A 121 -11.53 12.80 -6.06
C ILE A 121 -12.17 13.79 -5.15
N SER A 122 -12.59 13.29 -3.99
CA SER A 122 -13.17 14.17 -2.99
C SER A 122 -12.09 14.64 -2.02
N HIS A 123 -11.82 13.90 -0.96
CA HIS A 123 -10.70 14.30 -0.01
C HIS A 123 -9.45 13.50 -0.18
N ALA A 124 -8.31 14.15 0.13
CA ALA A 124 -7.01 13.48 0.25
C ALA A 124 -6.15 14.33 1.15
N ASP A 125 -5.69 13.81 2.27
CA ASP A 125 -4.62 14.52 3.04
C ASP A 125 -3.34 14.54 2.20
N ILE A 126 -2.70 15.69 2.09
CA ILE A 126 -1.46 15.79 1.34
C ILE A 126 -0.33 16.19 2.27
N SER A 127 -0.44 15.84 3.55
CA SER A 127 0.61 16.24 4.47
C SER A 127 1.72 15.16 4.52
N LEU A 128 1.38 13.88 4.41
CA LEU A 128 2.44 12.88 4.29
C LEU A 128 3.25 12.99 2.98
N ILE A 129 2.57 13.12 1.84
CA ILE A 129 3.23 13.47 0.60
C ILE A 129 4.24 14.59 0.75
N ARG A 130 3.83 15.75 1.24
CA ARG A 130 4.80 16.83 1.52
C ARG A 130 6.03 16.37 2.34
N SER A 131 5.78 15.61 3.40
CA SER A 131 6.82 15.18 4.28
C SER A 131 7.83 14.30 3.52
N TYR A 132 7.30 13.37 2.74
CA TYR A 132 8.12 12.47 1.92
C TYR A 132 8.94 13.30 0.98
N LEU A 133 8.32 14.29 0.31
CA LEU A 133 9.10 15.16 -0.57
C LEU A 133 10.16 15.95 0.21
N GLU A 134 9.82 16.40 1.43
CA GLU A 134 10.74 17.17 2.23
C GLU A 134 11.93 16.32 2.62
N GLU A 135 11.74 15.03 2.83
CA GLU A 135 12.86 14.17 3.18
C GLU A 135 13.59 13.63 1.98
N GLY A 136 13.34 14.22 0.83
CA GLY A 136 13.98 13.79 -0.40
C GLY A 136 13.53 12.44 -0.94
N MSE A 137 12.34 11.95 -0.60
CA MSE A 137 11.95 10.71 -1.25
C MSE A 137 11.10 10.98 -2.42
O MSE A 137 10.86 12.12 -2.70
CB MSE A 137 11.32 9.78 -0.30
CG MSE A 137 12.53 9.48 0.66
SE MSE A 137 11.95 8.92 2.28
CE MSE A 137 11.82 7.20 1.46
N VAL A 138 10.71 9.92 -3.13
CA VAL A 138 9.88 10.06 -4.34
C VAL A 138 8.60 9.30 -4.14
N PRO A 139 7.52 10.00 -3.73
CA PRO A 139 6.21 9.42 -3.55
C PRO A 139 5.74 8.86 -4.87
N VAL A 140 5.21 7.67 -4.86
CA VAL A 140 4.74 7.11 -6.07
C VAL A 140 3.25 6.77 -5.79
N VAL A 141 2.36 7.51 -6.43
CA VAL A 141 0.95 7.09 -6.47
C VAL A 141 0.52 6.48 -7.79
N TYR A 142 -0.69 5.92 -7.80
CA TYR A 142 -1.10 5.19 -9.02
C TYR A 142 -2.61 5.05 -9.13
N GLY A 143 -3.08 4.77 -10.36
CA GLY A 143 -4.49 4.53 -10.60
C GLY A 143 -5.01 3.39 -9.68
N ASP A 144 -6.17 3.53 -9.02
CA ASP A 144 -6.61 2.58 -8.01
C ASP A 144 -8.12 2.70 -7.83
N VAL A 145 -8.72 1.73 -7.13
CA VAL A 145 -10.14 1.79 -6.76
C VAL A 145 -10.13 2.47 -5.40
N VAL A 146 -11.10 3.36 -5.18
CA VAL A 146 -11.27 4.17 -3.97
C VAL A 146 -12.74 4.09 -3.57
N LEU A 147 -13.05 4.05 -2.27
CA LEU A 147 -14.41 4.28 -1.78
C LEU A 147 -15.00 5.56 -2.25
N ASP A 148 -16.25 5.45 -2.69
CA ASP A 148 -16.95 6.57 -3.31
C ASP A 148 -18.18 6.85 -2.44
N SER A 149 -18.33 8.09 -1.94
CA SER A 149 -19.44 8.48 -1.06
C SER A 149 -20.83 8.69 -1.77
N ASP A 150 -20.86 8.61 -3.09
CA ASP A 150 -22.12 8.49 -3.82
C ASP A 150 -22.59 7.08 -3.62
N ARG A 151 -23.58 6.95 -2.76
CA ARG A 151 -24.19 5.67 -2.36
C ARG A 151 -24.73 4.81 -3.54
N ARG A 152 -24.95 5.43 -4.70
CA ARG A 152 -25.37 4.69 -5.87
C ARG A 152 -24.19 3.88 -6.43
N LEU A 153 -22.95 4.31 -6.13
CA LEU A 153 -21.73 3.68 -6.73
C LEU A 153 -20.86 2.90 -5.76
N LYS A 154 -20.61 3.48 -4.57
CA LYS A 154 -19.81 2.86 -3.50
C LYS A 154 -18.28 2.81 -3.73
N PHE A 155 -17.87 2.47 -4.95
CA PHE A 155 -16.46 2.38 -5.34
C PHE A 155 -16.31 2.97 -6.73
N SER A 156 -15.23 3.70 -6.93
CA SER A 156 -14.87 4.19 -8.23
C SER A 156 -13.39 3.86 -8.43
N VAL A 157 -13.03 3.68 -9.69
CA VAL A 157 -11.69 3.78 -10.18
C VAL A 157 -11.29 5.25 -10.25
N ILE A 158 -10.17 5.65 -9.62
CA ILE A 158 -9.64 7.02 -9.75
C ILE A 158 -8.36 6.87 -10.61
N SER A 159 -8.36 7.43 -11.81
CA SER A 159 -7.28 7.11 -12.75
C SER A 159 -6.05 7.94 -12.49
N GLY A 160 -4.95 7.57 -13.15
CA GLY A 160 -3.73 8.34 -12.97
C GLY A 160 -3.87 9.78 -13.41
N ASP A 161 -4.63 9.98 -14.49
CA ASP A 161 -4.97 11.35 -14.91
C ASP A 161 -5.66 12.19 -13.84
N GLN A 162 -6.77 11.71 -13.31
CA GLN A 162 -7.34 12.46 -12.13
C GLN A 162 -6.30 12.75 -10.99
N LEU A 163 -5.50 11.75 -10.64
CA LEU A 163 -4.42 11.95 -9.62
C LEU A 163 -3.49 13.11 -10.05
N ILE A 164 -3.07 13.14 -11.32
CA ILE A 164 -2.10 14.16 -11.68
C ILE A 164 -2.73 15.53 -11.64
N ASN A 165 -3.96 15.62 -12.11
CA ASN A 165 -4.75 16.85 -11.99
C ASN A 165 -5.00 17.23 -10.52
N HIS A 166 -5.48 16.31 -9.72
CA HIS A 166 -5.69 16.67 -8.28
C HIS A 166 -4.43 17.17 -7.55
N PHE A 167 -3.32 16.45 -7.66
CA PHE A 167 -2.15 16.86 -6.88
C PHE A 167 -1.39 18.05 -7.45
N SER A 168 -1.42 18.25 -8.75
CA SER A 168 -0.67 19.38 -9.36
C SER A 168 -1.22 20.70 -8.89
N LEU A 169 -2.55 20.77 -8.82
CA LEU A 169 -3.24 21.93 -8.30
C LEU A 169 -2.84 22.22 -6.84
N ARG A 170 -2.90 21.20 -5.98
CA ARG A 170 -2.57 21.42 -4.54
C ARG A 170 -1.07 21.61 -4.24
N LEU A 171 -0.15 20.92 -4.96
CA LEU A 171 1.29 21.09 -4.69
C LEU A 171 1.93 22.16 -5.59
N MSE A 172 1.23 22.53 -6.66
CA MSE A 172 1.75 23.50 -7.62
C MSE A 172 3.20 23.16 -8.02
O MSE A 172 4.14 23.89 -7.68
CB MSE A 172 1.67 24.91 -7.00
CG MSE A 172 0.26 25.40 -6.72
SE MSE A 172 -0.63 25.86 -8.38
CE MSE A 172 -0.76 27.78 -7.97
N PRO A 173 3.40 22.04 -8.71
CA PRO A 173 4.75 21.69 -9.18
C PRO A 173 5.30 22.62 -10.26
N GLU A 174 6.62 22.65 -10.37
CA GLU A 174 7.31 23.38 -11.46
C GLU A 174 6.82 22.90 -12.85
N ARG A 175 6.98 21.61 -13.14
CA ARG A 175 6.50 21.05 -14.42
C ARG A 175 5.67 19.82 -14.14
N VAL A 176 4.78 19.51 -15.05
CA VAL A 176 4.05 18.26 -15.08
C VAL A 176 4.33 17.56 -16.42
N ILE A 177 4.67 16.28 -16.40
CA ILE A 177 5.09 15.56 -17.61
C ILE A 177 4.32 14.29 -17.65
N LEU A 178 3.65 14.03 -18.74
CA LEU A 178 2.87 12.83 -18.90
C LEU A 178 3.53 12.01 -19.95
N GLY A 179 3.91 10.81 -19.55
CA GLY A 179 4.68 9.93 -20.40
C GLY A 179 3.66 8.95 -20.93
N THR A 180 3.35 9.02 -22.23
CA THR A 180 2.32 8.15 -22.79
C THR A 180 2.93 7.26 -23.89
N ASP A 181 2.11 6.49 -24.60
CA ASP A 181 2.61 5.57 -25.61
C ASP A 181 2.57 6.14 -27.09
N VAL A 182 2.26 7.41 -27.25
CA VAL A 182 2.21 8.08 -28.54
C VAL A 182 2.95 9.42 -28.36
N ASP A 183 3.25 10.09 -29.45
CA ASP A 183 4.16 11.22 -29.47
C ASP A 183 3.56 12.49 -28.93
N GLY A 184 2.23 12.52 -28.85
CA GLY A 184 1.59 13.78 -28.49
C GLY A 184 0.14 13.64 -28.57
N VAL A 185 -0.55 14.78 -28.42
CA VAL A 185 -1.96 14.86 -28.77
C VAL A 185 -2.05 15.13 -30.27
N TYR A 186 -2.89 14.36 -30.95
CA TYR A 186 -3.17 14.59 -32.38
C TYR A 186 -4.55 15.20 -32.54
N THR A 187 -4.86 15.63 -33.77
CA THR A 187 -6.18 16.15 -34.11
C THR A 187 -7.23 15.04 -34.12
N ARG A 188 -6.78 13.79 -34.19
CA ARG A 188 -7.66 12.64 -34.18
C ARG A 188 -6.87 11.45 -33.71
N ASN A 189 -7.54 10.32 -33.46
CA ASN A 189 -6.88 9.13 -32.95
C ASN A 189 -5.89 8.58 -33.99
N PRO A 190 -4.58 8.81 -33.77
CA PRO A 190 -3.52 8.43 -34.70
C PRO A 190 -3.61 6.93 -35.04
N LYS A 191 -4.24 6.17 -34.15
CA LYS A 191 -4.21 4.71 -34.29
C LYS A 191 -5.22 4.20 -35.34
N LYS A 192 -6.13 5.07 -35.78
CA LYS A 192 -7.02 4.73 -36.89
C LYS A 192 -7.48 5.91 -37.76
N HIS A 193 -6.74 7.01 -37.70
CA HIS A 193 -6.89 8.10 -38.65
C HIS A 193 -5.51 8.41 -39.24
N PRO A 194 -5.18 7.77 -40.39
CA PRO A 194 -3.85 8.06 -40.94
C PRO A 194 -3.62 9.56 -41.15
N ASP A 195 -4.66 10.38 -41.24
CA ASP A 195 -4.40 11.83 -41.39
C ASP A 195 -4.32 12.68 -40.10
N ALA A 196 -4.47 12.02 -38.94
CA ALA A 196 -4.23 12.68 -37.67
C ALA A 196 -2.90 13.45 -37.73
N ARG A 197 -2.95 14.73 -37.38
CA ARG A 197 -1.72 15.56 -37.28
C ARG A 197 -1.33 15.86 -35.81
N LEU A 198 -0.07 15.60 -35.45
CA LEU A 198 0.46 16.03 -34.15
C LEU A 198 0.16 17.52 -33.85
N LEU A 199 -0.29 17.79 -32.61
CA LEU A 199 -0.50 19.17 -32.13
C LEU A 199 0.66 19.51 -31.24
N ASP A 200 1.21 20.70 -31.40
CA ASP A 200 2.43 21.06 -30.70
C ASP A 200 2.08 21.89 -29.46
N VAL A 201 0.84 22.38 -29.42
CA VAL A 201 0.35 23.09 -28.26
C VAL A 201 -1.17 23.02 -28.22
N ILE A 202 -1.74 23.23 -27.04
CA ILE A 202 -3.19 23.21 -26.91
C ILE A 202 -3.70 24.23 -25.88
N GLY A 222 -8.40 8.30 -22.38
CA GLY A 222 -7.60 9.39 -22.92
C GLY A 222 -7.29 9.09 -24.36
N MSE A 223 -7.16 10.11 -25.20
CA MSE A 223 -7.21 11.52 -24.80
C MSE A 223 -8.59 12.15 -24.91
O MSE A 223 -8.69 13.39 -24.95
CB MSE A 223 -6.39 12.34 -25.76
CG MSE A 223 -5.20 11.68 -26.19
SE MSE A 223 -3.80 12.07 -25.00
CE MSE A 223 -4.43 13.92 -24.70
N VAL A 224 -9.67 11.40 -25.03
CA VAL A 224 -10.89 12.09 -24.77
C VAL A 224 -10.67 12.52 -23.32
N GLY A 225 -10.59 11.53 -22.44
CA GLY A 225 -10.41 11.77 -21.01
C GLY A 225 -9.14 12.57 -20.72
N LYS A 226 -7.98 11.92 -20.82
CA LYS A 226 -6.70 12.53 -20.44
C LYS A 226 -6.68 14.05 -20.66
N ILE A 227 -7.21 14.49 -21.79
CA ILE A 227 -7.09 15.90 -22.13
C ILE A 227 -8.07 16.66 -21.30
N ARG A 228 -9.32 16.17 -21.22
CA ARG A 228 -10.38 16.78 -20.41
C ARG A 228 -9.84 17.28 -19.07
N GLU A 229 -9.30 16.33 -18.32
CA GLU A 229 -8.63 16.57 -17.04
C GLU A 229 -7.54 17.70 -17.11
N LEU A 230 -6.60 17.64 -18.07
CA LEU A 230 -5.48 18.60 -18.13
C LEU A 230 -5.95 19.99 -18.41
N LEU A 231 -7.15 20.07 -18.95
CA LEU A 231 -7.78 21.34 -19.30
C LEU A 231 -8.23 22.06 -18.05
N LEU A 232 -8.94 21.33 -17.18
CA LEU A 232 -9.28 21.79 -15.82
C LEU A 232 -8.08 22.51 -15.19
N LEU A 233 -6.94 21.78 -15.13
CA LEU A 233 -5.63 22.27 -14.61
C LEU A 233 -5.10 23.50 -15.38
N ALA A 234 -5.02 23.38 -16.71
CA ALA A 234 -4.73 24.52 -17.60
C ALA A 234 -5.46 25.79 -17.10
N GLU A 235 -6.78 25.63 -17.01
CA GLU A 235 -7.71 26.69 -16.60
C GLU A 235 -7.30 27.36 -15.27
N LYS A 236 -6.94 26.53 -14.28
CA LYS A 236 -6.57 27.03 -12.94
C LYS A 236 -5.04 27.32 -12.77
N GLY A 237 -4.34 27.52 -13.88
CA GLY A 237 -3.00 28.12 -13.86
C GLY A 237 -1.81 27.22 -14.02
N VAL A 238 -2.01 25.91 -14.31
CA VAL A 238 -0.85 25.01 -14.50
C VAL A 238 -0.93 24.29 -15.86
N GLU A 239 0.25 24.09 -16.45
CA GLU A 239 0.35 23.60 -17.84
C GLU A 239 1.29 22.40 -17.93
N SER A 240 0.76 21.31 -18.46
CA SER A 240 1.47 20.03 -18.56
C SER A 240 2.06 19.72 -19.96
N GLU A 241 2.84 18.65 -20.05
CA GLU A 241 3.46 18.27 -21.30
C GLU A 241 3.33 16.79 -21.58
N ILE A 242 2.81 16.47 -22.76
CA ILE A 242 2.64 15.09 -23.17
C ILE A 242 3.83 14.65 -24.03
N ILE A 243 4.34 13.46 -23.78
N ILE A 243 4.37 13.47 -23.76
CA ILE A 243 5.55 12.97 -24.45
CA ILE A 243 5.54 12.97 -24.47
C ILE A 243 5.41 11.47 -24.66
C ILE A 243 5.42 11.46 -24.65
N ASN A 244 6.26 10.89 -25.50
CA ASN A 244 6.18 9.47 -25.76
C ASN A 244 7.29 8.87 -24.92
N ALA A 245 6.90 8.08 -23.93
CA ALA A 245 7.80 7.48 -22.99
C ALA A 245 8.19 6.12 -23.46
N ALA A 246 7.58 5.66 -24.56
CA ALA A 246 7.99 4.40 -25.23
C ALA A 246 9.30 4.57 -26.05
N VAL A 247 9.65 5.82 -26.35
CA VAL A 247 10.82 6.19 -27.13
C VAL A 247 12.01 6.51 -26.22
N PRO A 248 13.15 5.80 -26.40
CA PRO A 248 14.35 6.01 -25.58
C PRO A 248 14.78 7.46 -25.42
N GLY A 249 14.98 7.91 -24.16
CA GLY A 249 15.50 9.25 -23.89
C GLY A 249 14.52 10.42 -23.75
N ASN A 250 13.28 10.26 -24.21
CA ASN A 250 12.35 11.37 -24.02
C ASN A 250 12.17 11.71 -22.52
N ILE A 251 11.96 10.68 -21.70
CA ILE A 251 11.78 10.94 -20.26
C ILE A 251 12.98 11.62 -19.67
N GLU A 252 14.15 11.07 -20.00
CA GLU A 252 15.40 11.62 -19.51
C GLU A 252 15.60 13.04 -19.99
N ARG A 253 15.29 13.29 -21.26
CA ARG A 253 15.46 14.61 -21.79
C ARG A 253 14.46 15.55 -21.12
N ALA A 254 13.19 15.16 -21.05
CA ALA A 254 12.22 16.05 -20.39
C ALA A 254 12.61 16.26 -18.92
N LEU A 255 12.88 15.18 -18.20
CA LEU A 255 13.29 15.37 -16.82
C LEU A 255 14.42 16.41 -16.72
N LEU A 256 15.30 16.50 -17.71
CA LEU A 256 16.43 17.42 -17.62
C LEU A 256 16.12 18.80 -18.17
N GLY A 257 14.92 19.01 -18.69
CA GLY A 257 14.48 20.33 -19.17
C GLY A 257 14.76 20.59 -20.65
N GLU A 258 15.22 19.56 -21.33
CA GLU A 258 15.70 19.65 -22.71
C GLU A 258 14.55 19.49 -23.71
N GLU A 259 14.69 20.09 -24.90
CA GLU A 259 13.70 19.91 -25.95
C GLU A 259 13.41 18.42 -26.20
N VAL A 260 12.12 18.10 -26.19
CA VAL A 260 11.62 16.76 -26.42
C VAL A 260 10.37 16.98 -27.22
N ARG A 261 10.01 16.06 -28.12
CA ARG A 261 8.81 16.23 -28.94
C ARG A 261 7.55 15.90 -28.17
N GLY A 262 6.51 16.69 -28.40
CA GLY A 262 5.20 16.37 -27.92
C GLY A 262 4.44 17.65 -27.80
N THR A 263 3.44 17.64 -26.94
CA THR A 263 2.42 18.65 -26.90
C THR A 263 2.44 19.40 -25.57
N ARG A 264 2.32 20.72 -25.59
CA ARG A 264 2.23 21.49 -24.37
C ARG A 264 0.76 21.73 -24.14
N ILE A 265 0.34 21.83 -22.87
CA ILE A 265 -1.07 22.08 -22.57
C ILE A 265 -1.26 23.31 -21.66
N HIS B 3 -20.03 -6.29 16.27
CA HIS B 3 -19.46 -7.48 16.98
C HIS B 3 -18.10 -7.87 16.38
N MSE B 4 -17.16 -6.92 16.37
CA MSE B 4 -16.02 -6.99 15.47
C MSE B 4 -14.84 -7.74 16.11
O MSE B 4 -14.76 -7.80 17.29
CB MSE B 4 -15.62 -5.57 15.09
CG MSE B 4 -14.38 -5.46 14.29
SE MSE B 4 -13.65 -3.71 14.75
CE MSE B 4 -15.23 -2.66 14.25
N ILE B 5 -13.99 -8.33 15.29
CA ILE B 5 -12.81 -9.05 15.77
C ILE B 5 -11.56 -8.43 15.14
N ILE B 6 -10.48 -8.21 15.89
CA ILE B 6 -9.20 -7.85 15.26
C ILE B 6 -8.20 -8.94 15.47
N LEU B 7 -7.56 -9.40 14.41
CA LEU B 7 -6.72 -10.59 14.51
C LEU B 7 -5.35 -10.26 13.96
N LYS B 8 -4.28 -10.55 14.70
CA LYS B 8 -2.94 -10.38 14.19
C LYS B 8 -2.36 -11.74 13.79
N LEU B 9 -1.72 -11.79 12.63
CA LEU B 9 -0.89 -12.95 12.16
C LEU B 9 0.59 -12.65 12.30
N GLY B 10 1.25 -13.28 13.28
CA GLY B 10 2.68 -13.05 13.56
C GLY B 10 3.48 -13.28 12.30
N GLY B 11 4.55 -12.51 12.10
CA GLY B 11 5.27 -12.51 10.84
C GLY B 11 6.06 -13.80 10.78
N SER B 12 6.24 -14.44 11.94
CA SER B 12 7.00 -15.69 12.05
C SER B 12 6.15 -16.86 11.57
N VAL B 13 4.85 -16.88 11.91
CA VAL B 13 3.98 -17.92 11.38
C VAL B 13 3.81 -17.90 9.85
N ILE B 14 3.73 -16.73 9.23
CA ILE B 14 3.45 -16.70 7.82
C ILE B 14 4.63 -16.44 6.92
N THR B 15 5.80 -16.19 7.50
CA THR B 15 7.01 -16.06 6.66
C THR B 15 8.05 -17.15 7.08
N ARG B 16 9.00 -17.42 6.19
CA ARG B 16 10.02 -18.45 6.41
C ARG B 16 11.38 -17.81 6.42
N LYS B 17 12.16 -18.24 7.41
CA LYS B 17 13.40 -17.60 7.81
C LYS B 17 14.59 -18.22 7.12
N ASP B 18 14.44 -19.48 6.66
CA ASP B 18 15.47 -20.17 5.84
C ASP B 18 15.58 -19.49 4.46
N SER B 19 15.84 -18.19 4.53
CA SER B 19 15.54 -17.28 3.43
C SER B 19 16.69 -17.07 2.52
N GLU B 20 16.69 -17.74 1.37
CA GLU B 20 17.55 -17.24 0.31
C GLU B 20 17.12 -15.76 0.18
N GLU B 21 15.86 -15.57 -0.19
CA GLU B 21 15.23 -14.26 -0.16
C GLU B 21 14.06 -14.34 0.79
N PRO B 22 13.35 -13.22 1.03
CA PRO B 22 12.24 -13.40 1.95
C PRO B 22 11.24 -14.38 1.33
N ALA B 23 10.55 -15.17 2.12
CA ALA B 23 9.59 -16.05 1.53
C ALA B 23 8.38 -16.24 2.43
N ILE B 24 7.22 -16.41 1.80
CA ILE B 24 6.03 -16.86 2.49
C ILE B 24 6.26 -18.22 3.19
N ASP B 25 5.54 -18.49 4.26
CA ASP B 25 5.25 -19.85 4.64
C ASP B 25 3.92 -20.17 3.97
N ARG B 26 3.94 -20.69 2.74
CA ARG B 26 2.68 -20.88 1.98
C ARG B 26 1.70 -21.81 2.70
N ASP B 27 2.16 -22.88 3.31
CA ASP B 27 1.21 -23.78 3.97
C ASP B 27 0.54 -23.13 5.19
N ASN B 28 1.29 -22.32 5.93
CA ASN B 28 0.71 -21.69 7.12
C ASN B 28 -0.26 -20.63 6.66
N LEU B 29 0.15 -19.91 5.63
CA LEU B 29 -0.63 -18.81 5.14
C LEU B 29 -2.00 -19.29 4.55
N GLU B 30 -1.97 -20.30 3.68
CA GLU B 30 -3.17 -20.70 2.93
C GLU B 30 -4.09 -21.43 3.85
N ARG B 31 -3.53 -22.15 4.77
CA ARG B 31 -4.37 -22.73 5.80
C ARG B 31 -5.05 -21.72 6.69
N ILE B 32 -4.33 -20.71 7.17
CA ILE B 32 -4.97 -19.73 8.08
C ILE B 32 -6.11 -19.01 7.32
N ALA B 33 -5.85 -18.65 6.07
CA ALA B 33 -6.86 -18.02 5.23
C ALA B 33 -8.12 -18.91 5.16
N SER B 34 -7.89 -20.19 4.87
CA SER B 34 -8.97 -21.17 4.84
C SER B 34 -9.77 -21.11 6.14
N GLU B 35 -9.06 -20.97 7.26
CA GLU B 35 -9.73 -20.93 8.53
C GLU B 35 -10.50 -19.61 8.69
N ILE B 36 -10.01 -18.54 8.10
CA ILE B 36 -10.69 -17.28 8.33
C ILE B 36 -11.96 -17.39 7.50
N GLY B 37 -11.87 -18.10 6.39
CA GLY B 37 -13.01 -18.28 5.51
C GLY B 37 -14.04 -19.16 6.17
N ASN B 38 -13.60 -20.27 6.76
CA ASN B 38 -14.54 -21.22 7.35
C ASN B 38 -15.30 -20.68 8.53
N ALA B 39 -14.67 -19.81 9.30
CA ALA B 39 -15.38 -19.19 10.42
C ALA B 39 -16.26 -18.00 9.97
N SER B 40 -15.85 -17.28 8.93
CA SER B 40 -16.63 -16.19 8.42
C SER B 40 -17.09 -15.25 9.54
N PRO B 41 -16.17 -14.42 10.06
CA PRO B 41 -16.57 -13.49 11.13
C PRO B 41 -17.45 -12.37 10.56
N SER B 42 -18.36 -11.82 11.36
CA SER B 42 -19.29 -10.84 10.83
C SER B 42 -18.57 -9.54 10.50
N SER B 43 -17.60 -9.18 11.34
CA SER B 43 -16.77 -8.00 11.17
C SER B 43 -15.34 -8.35 11.55
N LEU B 44 -14.39 -8.06 10.67
CA LEU B 44 -13.01 -8.44 10.89
C LEU B 44 -12.02 -7.43 10.36
N MSE B 45 -10.96 -7.25 11.15
CA MSE B 45 -9.83 -6.51 10.69
C MSE B 45 -8.58 -7.35 10.93
O MSE B 45 -8.51 -8.10 11.86
CB MSE B 45 -9.74 -5.21 11.43
CG MSE B 45 -8.54 -4.45 11.05
SE MSE B 45 -8.41 -2.74 12.06
CE MSE B 45 -7.13 -1.83 10.88
N ILE B 46 -7.60 -7.28 10.05
CA ILE B 46 -6.41 -8.10 10.27
C ILE B 46 -5.18 -7.26 10.25
N VAL B 47 -4.23 -7.66 11.08
CA VAL B 47 -2.93 -7.04 11.10
C VAL B 47 -1.90 -8.15 10.84
N HIS B 48 -0.85 -7.94 10.08
CA HIS B 48 0.13 -9.01 10.09
C HIS B 48 1.52 -8.43 10.28
N GLY B 49 2.41 -9.20 10.90
CA GLY B 49 3.81 -8.84 11.09
C GLY B 49 4.56 -8.99 9.78
N ALA B 50 5.77 -8.44 9.67
CA ALA B 50 6.51 -8.57 8.42
C ALA B 50 7.42 -9.82 8.41
N GLY B 51 7.84 -10.31 9.57
CA GLY B 51 8.79 -11.42 9.61
C GLY B 51 9.98 -11.18 8.68
N SER B 52 10.29 -12.15 7.82
CA SER B 52 11.51 -12.07 7.01
C SER B 52 11.42 -11.02 5.92
N PHE B 53 10.24 -10.45 5.70
CA PHE B 53 10.19 -9.37 4.69
C PHE B 53 10.51 -8.02 5.36
N GLY B 54 10.49 -7.99 6.68
CA GLY B 54 10.78 -6.76 7.42
C GLY B 54 12.05 -6.72 8.26
N HIS B 55 12.10 -7.47 9.37
CA HIS B 55 13.28 -7.44 10.26
C HIS B 55 14.65 -7.31 9.54
N PRO B 56 14.90 -8.15 8.54
CA PRO B 56 16.25 -8.19 8.00
C PRO B 56 16.65 -6.87 7.37
N PHE B 57 15.72 -6.23 6.64
CA PHE B 57 16.05 -4.98 5.95
C PHE B 57 16.12 -3.82 6.92
N ALA B 58 15.16 -3.76 7.86
CA ALA B 58 15.09 -2.58 8.71
C ALA B 58 16.24 -2.66 9.70
N GLY B 59 16.61 -3.86 10.09
CA GLY B 59 17.79 -4.06 10.92
C GLY B 59 19.06 -3.73 10.19
N GLU B 60 19.17 -4.14 8.94
CA GLU B 60 20.32 -3.77 8.16
C GLU B 60 20.52 -2.23 8.16
N TYR B 61 19.43 -1.46 8.16
CA TYR B 61 19.52 0.00 7.94
C TYR B 61 19.32 0.70 9.26
N ARG B 62 19.09 -0.08 10.32
CA ARG B 62 18.83 0.51 11.63
C ARG B 62 17.67 1.52 11.68
N ILE B 63 16.52 1.13 11.14
CA ILE B 63 15.41 2.06 11.00
C ILE B 63 14.88 2.24 12.41
N GLY B 64 14.78 3.47 12.84
CA GLY B 64 14.19 3.70 14.16
C GLY B 64 15.24 4.12 15.18
N SER B 65 16.51 4.16 14.73
CA SER B 65 17.68 4.48 15.56
C SER B 65 18.16 5.86 15.24
N GLU B 66 18.88 6.53 16.18
CA GLU B 66 19.32 7.92 15.95
C GLU B 66 20.13 7.97 14.68
N ILE B 67 20.06 9.08 13.97
CA ILE B 67 20.83 9.22 12.75
C ILE B 67 21.98 10.23 12.93
N GLU B 68 23.21 9.75 12.83
CA GLU B 68 24.41 10.59 13.05
C GLU B 68 24.79 11.61 11.93
N ASN B 69 25.05 11.17 10.70
CA ASN B 69 25.46 12.12 9.65
C ASN B 69 24.65 12.09 8.34
N GLU B 70 24.84 13.10 7.50
CA GLU B 70 24.12 13.17 6.24
C GLU B 70 24.39 11.97 5.34
N GLU B 71 25.52 11.28 5.55
CA GLU B 71 25.85 10.08 4.78
C GLU B 71 25.05 8.87 5.28
N ASP B 72 24.91 8.76 6.61
CA ASP B 72 23.92 7.86 7.22
C ASP B 72 22.56 8.09 6.54
N LEU B 73 22.06 9.31 6.73
CA LEU B 73 20.75 9.74 6.26
C LEU B 73 20.46 9.30 4.82
N ARG B 74 21.31 9.65 3.88
CA ARG B 74 21.02 9.27 2.52
C ARG B 74 20.80 7.78 2.39
N ARG B 75 21.51 6.98 3.18
CA ARG B 75 21.47 5.54 3.04
C ARG B 75 20.21 4.99 3.63
N ARG B 76 19.84 5.52 4.76
CA ARG B 76 18.63 5.12 5.46
C ARG B 76 17.34 5.43 4.75
N ARG B 77 17.36 6.51 3.98
CA ARG B 77 16.23 6.98 3.25
C ARG B 77 15.99 5.96 2.15
N PHE B 78 17.06 5.47 1.53
CA PHE B 78 16.93 4.38 0.59
C PHE B 78 16.43 3.13 1.25
N GLY B 79 16.89 2.86 2.45
CA GLY B 79 16.51 1.64 3.14
C GLY B 79 15.06 1.67 3.62
N PHE B 80 14.56 2.86 3.95
CA PHE B 80 13.15 3.01 4.33
C PHE B 80 12.30 2.56 3.11
N ALA B 81 12.70 3.05 1.92
CA ALA B 81 11.95 2.74 0.69
C ALA B 81 12.04 1.26 0.33
N LEU B 82 13.19 0.65 0.59
CA LEU B 82 13.41 -0.71 0.14
C LEU B 82 12.64 -1.57 1.09
N THR B 83 12.76 -1.24 2.38
CA THR B 83 11.97 -1.99 3.35
C THR B 83 10.45 -1.84 3.08
N GLN B 84 10.05 -0.63 2.72
N GLN B 84 9.98 -0.64 2.74
CA GLN B 84 8.65 -0.29 2.44
CA GLN B 84 8.52 -0.51 2.62
C GLN B 84 8.08 -1.24 1.39
C GLN B 84 8.06 -1.39 1.42
N ASN B 85 8.85 -1.44 0.34
CA ASN B 85 8.43 -2.26 -0.80
C ASN B 85 8.42 -3.73 -0.43
N TRP B 86 9.44 -4.18 0.34
CA TRP B 86 9.43 -5.59 0.71
C TRP B 86 8.23 -5.95 1.53
N VAL B 87 7.86 -5.10 2.48
CA VAL B 87 6.69 -5.45 3.32
C VAL B 87 5.36 -5.38 2.49
N LYS B 88 5.30 -4.44 1.56
CA LYS B 88 4.18 -4.37 0.67
C LYS B 88 4.03 -5.70 -0.11
N LYS B 89 5.17 -6.33 -0.49
CA LYS B 89 5.06 -7.55 -1.33
C LYS B 89 4.51 -8.67 -0.47
N LEU B 90 5.02 -8.85 0.74
CA LEU B 90 4.36 -9.75 1.65
C LEU B 90 2.86 -9.45 1.72
N ASN B 91 2.47 -8.19 1.84
CA ASN B 91 1.04 -7.91 2.07
C ASN B 91 0.25 -8.43 0.85
N SER B 92 0.79 -8.21 -0.32
CA SER B 92 0.14 -8.66 -1.54
C SER B 92 -0.01 -10.21 -1.57
N HIS B 93 0.98 -10.96 -1.05
CA HIS B 93 0.79 -12.41 -0.80
C HIS B 93 -0.29 -12.68 0.18
N VAL B 94 -0.34 -11.87 1.24
CA VAL B 94 -1.36 -12.04 2.23
C VAL B 94 -2.74 -11.86 1.60
N CYS B 95 -2.90 -10.81 0.83
CA CYS B 95 -4.20 -10.47 0.32
C CYS B 95 -4.55 -11.55 -0.75
N ASP B 96 -3.56 -12.07 -1.47
CA ASP B 96 -3.77 -13.17 -2.44
C ASP B 96 -4.45 -14.34 -1.78
N ALA B 97 -3.88 -14.79 -0.67
CA ALA B 97 -4.44 -15.92 0.00
C ALA B 97 -5.79 -15.63 0.55
N LEU B 98 -6.06 -14.39 0.96
CA LEU B 98 -7.38 -14.15 1.56
C LEU B 98 -8.45 -14.15 0.47
N LEU B 99 -8.13 -13.47 -0.63
CA LEU B 99 -9.02 -13.30 -1.75
C LEU B 99 -9.36 -14.73 -2.33
N ALA B 100 -8.31 -15.52 -2.61
CA ALA B 100 -8.45 -16.94 -2.93
C ALA B 100 -9.49 -17.62 -2.07
N GLU B 101 -9.74 -17.12 -0.87
CA GLU B 101 -10.79 -17.75 -0.09
C GLU B 101 -12.07 -16.96 -0.07
N GLY B 102 -12.25 -16.05 -1.01
CA GLY B 102 -13.48 -15.27 -1.01
C GLY B 102 -13.55 -14.09 -0.04
N ILE B 103 -12.48 -13.81 0.69
CA ILE B 103 -12.51 -12.72 1.68
C ILE B 103 -12.21 -11.40 0.99
N PRO B 104 -13.09 -10.38 1.13
CA PRO B 104 -12.78 -9.10 0.51
C PRO B 104 -11.74 -8.36 1.39
N ALA B 105 -10.48 -8.82 1.35
CA ALA B 105 -9.37 -8.19 2.08
C ALA B 105 -8.95 -6.90 1.42
N VAL B 106 -9.05 -5.79 2.12
CA VAL B 106 -8.52 -4.54 1.58
C VAL B 106 -7.38 -4.02 2.38
N SER B 107 -6.28 -3.79 1.73
CA SER B 107 -5.06 -3.54 2.50
C SER B 107 -5.06 -2.05 2.83
N MSE B 108 -4.44 -1.63 3.91
CA MSE B 108 -4.16 -0.20 4.05
C MSE B 108 -2.76 -0.03 4.52
O MSE B 108 -2.44 -0.19 5.72
CB MSE B 108 -5.17 0.53 4.98
CG MSE B 108 -6.61 0.95 4.14
SE MSE B 108 -7.56 1.40 5.58
CE MSE B 108 -6.96 3.27 5.59
N GLN B 109 -1.94 0.41 3.56
CA GLN B 109 -0.51 0.58 3.75
C GLN B 109 -0.29 1.63 4.88
N PRO B 110 0.17 1.18 6.09
CA PRO B 110 0.47 2.14 7.20
C PRO B 110 1.36 3.32 6.82
N SER B 111 2.39 3.14 6.02
CA SER B 111 3.22 4.28 5.67
C SER B 111 2.48 5.34 4.81
N ALA B 112 1.23 5.08 4.39
CA ALA B 112 0.53 6.09 3.58
C ALA B 112 -0.48 6.91 4.45
N PHE B 113 -0.71 6.54 5.71
CA PHE B 113 -1.62 7.31 6.51
C PHE B 113 -1.25 7.36 8.04
N ILE B 114 -0.11 6.82 8.43
CA ILE B 114 0.25 6.80 9.85
C ILE B 114 1.57 7.53 9.95
N ARG B 115 1.69 8.37 10.95
CA ARG B 115 3.01 8.89 11.36
C ARG B 115 3.34 8.51 12.75
N ALA B 116 4.67 8.52 13.05
CA ALA B 116 5.15 8.24 14.37
C ALA B 116 5.84 9.46 14.96
N HIS B 117 5.92 9.44 16.28
CA HIS B 117 6.82 10.36 16.96
C HIS B 117 7.56 9.55 18.01
N ALA B 118 8.90 9.53 17.90
CA ALA B 118 9.81 8.69 18.70
C ALA B 118 9.35 7.27 18.82
N GLY B 119 8.91 6.67 17.70
CA GLY B 119 8.61 5.25 17.75
C GLY B 119 7.21 4.91 18.15
N ARG B 120 6.42 5.92 18.51
CA ARG B 120 5.04 5.74 18.90
C ARG B 120 4.11 6.35 17.83
N ILE B 121 3.03 5.65 17.47
CA ILE B 121 2.04 6.22 16.54
C ILE B 121 1.65 7.64 17.05
N SER B 122 1.94 8.67 16.26
CA SER B 122 1.52 10.05 16.51
C SER B 122 0.12 10.38 15.82
N HIS B 123 -0.03 10.12 14.52
CA HIS B 123 -1.33 10.23 13.75
C HIS B 123 -1.68 8.88 13.05
N ALA B 124 -2.94 8.43 13.13
CA ALA B 124 -3.50 7.45 12.21
C ALA B 124 -4.98 7.88 11.92
N ASP B 125 -5.29 8.27 10.69
CA ASP B 125 -6.69 8.44 10.27
C ASP B 125 -7.45 7.18 10.58
N ILE B 126 -8.51 7.17 11.37
CA ILE B 126 -9.25 5.93 11.43
C ILE B 126 -10.60 5.99 10.64
N SER B 127 -10.93 7.12 10.06
CA SER B 127 -12.24 7.22 9.39
C SER B 127 -12.35 6.32 8.17
N LEU B 128 -11.23 6.10 7.47
CA LEU B 128 -11.32 5.32 6.23
C LEU B 128 -11.47 3.82 6.56
N ILE B 129 -10.75 3.40 7.58
CA ILE B 129 -10.82 2.05 8.06
C ILE B 129 -12.26 1.82 8.48
N ARG B 130 -12.83 2.77 9.21
CA ARG B 130 -14.22 2.61 9.66
C ARG B 130 -15.16 2.43 8.44
N SER B 131 -15.01 3.27 7.41
CA SER B 131 -15.86 3.13 6.18
C SER B 131 -15.66 1.73 5.53
N TYR B 132 -14.42 1.24 5.43
CA TYR B 132 -14.20 -0.11 4.90
C TYR B 132 -14.96 -1.15 5.68
N LEU B 133 -14.94 -1.00 7.03
CA LEU B 133 -15.63 -1.95 7.88
C LEU B 133 -17.15 -1.81 7.66
N GLU B 134 -17.59 -0.58 7.49
CA GLU B 134 -19.02 -0.28 7.39
C GLU B 134 -19.51 -0.91 6.07
N GLU B 135 -18.67 -0.84 5.03
CA GLU B 135 -18.99 -1.38 3.72
C GLU B 135 -18.87 -2.90 3.69
N GLY B 136 -18.53 -3.53 4.82
CA GLY B 136 -18.44 -4.98 4.92
C GLY B 136 -17.11 -5.53 4.39
N MSE B 137 -16.06 -4.72 4.37
CA MSE B 137 -14.76 -5.21 3.92
C MSE B 137 -13.90 -5.63 5.11
O MSE B 137 -14.23 -5.30 6.24
CB MSE B 137 -13.93 -4.16 3.16
CG MSE B 137 -14.58 -3.01 2.58
SE MSE B 137 -14.97 -3.42 0.68
CE MSE B 137 -13.46 -4.32 0.02
N VAL B 138 -12.81 -6.35 4.81
CA VAL B 138 -11.78 -6.73 5.78
C VAL B 138 -10.50 -5.89 5.62
N PRO B 139 -10.40 -4.78 6.37
CA PRO B 139 -9.11 -4.03 6.30
C PRO B 139 -7.87 -4.86 6.79
N VAL B 140 -6.72 -4.72 6.16
CA VAL B 140 -5.52 -5.48 6.51
C VAL B 140 -4.40 -4.48 6.67
N VAL B 141 -3.90 -4.34 7.90
CA VAL B 141 -2.71 -3.50 8.05
C VAL B 141 -1.54 -4.39 8.44
N TYR B 142 -0.34 -3.82 8.45
CA TYR B 142 0.82 -4.64 8.73
C TYR B 142 1.96 -3.85 9.29
N GLY B 143 2.85 -4.48 10.06
CA GLY B 143 4.06 -3.79 10.48
C GLY B 143 4.76 -3.13 9.30
N ASP B 144 5.07 -1.86 9.48
CA ASP B 144 5.64 -1.11 8.37
C ASP B 144 6.60 -0.03 8.91
N VAL B 145 7.35 0.58 8.01
CA VAL B 145 8.21 1.70 8.36
C VAL B 145 7.36 2.95 8.11
N VAL B 146 7.54 3.98 8.95
N VAL B 146 7.45 3.96 8.99
CA VAL B 146 6.73 5.20 8.91
CA VAL B 146 6.69 5.25 8.82
C VAL B 146 7.64 6.39 9.21
C VAL B 146 7.62 6.39 9.19
N LEU B 147 7.32 7.56 8.67
CA LEU B 147 8.05 8.78 9.03
C LEU B 147 7.92 9.13 10.53
N ASP B 148 8.99 9.60 11.13
CA ASP B 148 8.97 9.79 12.58
C ASP B 148 9.32 11.24 12.70
N SER B 149 8.43 12.01 13.32
CA SER B 149 8.67 13.43 13.45
C SER B 149 9.75 13.80 14.47
N ASP B 150 10.30 12.82 15.19
CA ASP B 150 11.49 13.05 15.99
C ASP B 150 12.72 13.16 15.12
N ARG B 151 13.30 14.35 15.09
CA ARG B 151 14.20 14.74 14.02
C ARG B 151 15.54 14.04 14.13
N ARG B 152 15.79 13.38 15.24
CA ARG B 152 16.93 12.50 15.33
C ARG B 152 16.67 11.19 14.63
N LEU B 153 15.40 10.74 14.62
CA LEU B 153 15.08 9.42 14.09
C LEU B 153 14.67 9.47 12.61
N LYS B 154 13.79 10.39 12.23
CA LYS B 154 13.25 10.52 10.88
C LYS B 154 12.28 9.40 10.44
N PHE B 155 12.52 8.14 10.85
CA PHE B 155 11.62 7.02 10.57
C PHE B 155 11.75 6.00 11.65
N SER B 156 10.68 5.25 11.87
CA SER B 156 10.58 4.21 12.84
C SER B 156 9.87 3.03 12.20
N VAL B 157 9.98 1.87 12.82
CA VAL B 157 9.21 0.72 12.42
C VAL B 157 8.07 0.75 13.38
N ILE B 158 6.86 0.64 12.85
CA ILE B 158 5.70 0.49 13.65
C ILE B 158 5.30 -0.95 13.50
N SER B 159 5.20 -1.65 14.63
CA SER B 159 5.03 -3.07 14.60
C SER B 159 3.61 -3.45 14.55
N GLY B 160 3.40 -4.67 14.03
CA GLY B 160 2.12 -5.33 14.10
C GLY B 160 1.45 -5.14 15.47
N ASP B 161 2.26 -5.22 16.50
CA ASP B 161 1.77 -5.12 17.87
C ASP B 161 1.33 -3.73 18.30
N GLN B 162 2.02 -2.66 17.89
CA GLN B 162 1.56 -1.29 18.16
C GLN B 162 0.23 -1.03 17.42
N LEU B 163 0.13 -1.57 16.23
CA LEU B 163 -1.07 -1.38 15.41
C LEU B 163 -2.28 -2.00 16.11
N ILE B 164 -2.07 -3.21 16.62
CA ILE B 164 -3.11 -3.99 17.27
C ILE B 164 -3.58 -3.21 18.49
N ASN B 165 -2.61 -2.70 19.25
CA ASN B 165 -2.92 -1.83 20.44
C ASN B 165 -3.64 -0.50 20.06
N HIS B 166 -3.03 0.28 19.14
CA HIS B 166 -3.60 1.57 18.69
C HIS B 166 -5.05 1.43 18.11
N PHE B 167 -5.25 0.46 17.21
CA PHE B 167 -6.57 0.29 16.65
C PHE B 167 -7.59 -0.40 17.53
N SER B 168 -7.17 -1.31 18.39
CA SER B 168 -8.16 -1.91 19.27
C SER B 168 -8.63 -0.89 20.29
N LEU B 169 -7.72 -0.03 20.76
CA LEU B 169 -8.17 0.99 21.67
C LEU B 169 -9.30 1.79 20.99
N ARG B 170 -9.10 2.19 19.74
CA ARG B 170 -9.95 3.14 19.08
C ARG B 170 -11.15 2.58 18.37
N LEU B 171 -11.14 1.28 18.02
CA LEU B 171 -12.27 0.66 17.32
C LEU B 171 -13.11 -0.13 18.29
N MSE B 172 -12.56 -0.32 19.49
CA MSE B 172 -13.24 -1.02 20.55
C MSE B 172 -13.86 -2.31 20.06
O MSE B 172 -15.03 -2.49 20.22
CB MSE B 172 -14.32 -0.12 21.19
CG MSE B 172 -13.73 0.95 22.11
SE MSE B 172 -12.37 0.32 23.50
CE MSE B 172 -13.56 -0.97 24.39
N PRO B 173 -13.05 -3.25 19.51
CA PRO B 173 -13.57 -4.55 19.06
C PRO B 173 -14.04 -5.45 20.23
N GLU B 174 -14.97 -6.36 19.99
CA GLU B 174 -15.29 -7.43 20.94
C GLU B 174 -14.10 -8.38 21.35
N ARG B 175 -13.26 -8.75 20.39
CA ARG B 175 -12.13 -9.61 20.71
C ARG B 175 -10.92 -9.19 19.97
N VAL B 176 -9.77 -9.36 20.63
CA VAL B 176 -8.48 -9.10 20.03
C VAL B 176 -7.73 -10.44 20.10
N ILE B 177 -7.32 -11.01 18.96
CA ILE B 177 -6.68 -12.31 18.94
C ILE B 177 -5.32 -12.16 18.30
N LEU B 178 -4.27 -12.61 18.98
CA LEU B 178 -2.91 -12.58 18.44
C LEU B 178 -2.47 -13.98 18.14
N GLY B 179 -2.30 -14.29 16.86
CA GLY B 179 -1.87 -15.61 16.43
C GLY B 179 -0.36 -15.64 16.29
N THR B 180 0.30 -16.37 17.18
CA THR B 180 1.76 -16.42 17.20
C THR B 180 2.28 -17.84 16.93
N ASP B 181 3.59 -18.05 16.97
CA ASP B 181 4.14 -19.37 16.65
C ASP B 181 4.42 -20.24 17.92
N VAL B 182 4.13 -19.72 19.12
CA VAL B 182 4.18 -20.53 20.35
C VAL B 182 2.79 -20.63 20.92
N ASP B 183 2.60 -21.43 21.96
CA ASP B 183 1.23 -21.68 22.42
C ASP B 183 0.59 -20.55 23.18
N GLY B 184 1.41 -19.66 23.72
CA GLY B 184 0.96 -18.68 24.67
C GLY B 184 2.15 -17.94 25.23
N VAL B 185 1.89 -17.09 26.19
CA VAL B 185 3.01 -16.51 26.89
C VAL B 185 3.45 -17.51 27.98
N TYR B 186 4.77 -17.70 28.14
CA TYR B 186 5.31 -18.49 29.24
C TYR B 186 6.12 -17.70 30.25
N THR B 187 6.38 -18.32 31.40
CA THR B 187 7.13 -17.66 32.46
C THR B 187 8.51 -17.27 31.96
N ARG B 188 8.91 -17.88 30.83
CA ARG B 188 10.27 -17.73 30.35
C ARG B 188 10.33 -18.16 28.91
N ASN B 189 11.40 -17.80 28.20
CA ASN B 189 11.45 -18.14 26.79
C ASN B 189 11.49 -19.66 26.74
N PRO B 190 10.39 -20.30 26.31
CA PRO B 190 10.29 -21.76 26.40
C PRO B 190 11.16 -22.45 25.38
N LYS B 191 12.07 -21.71 24.75
CA LYS B 191 12.96 -22.23 23.73
C LYS B 191 14.40 -22.12 24.21
N LYS B 192 14.54 -21.55 25.39
CA LYS B 192 15.81 -21.45 26.08
C LYS B 192 15.69 -21.95 27.53
N HIS B 193 14.48 -22.24 27.99
CA HIS B 193 14.27 -22.57 29.40
C HIS B 193 13.31 -23.70 29.58
N PRO B 194 13.86 -24.88 29.96
CA PRO B 194 13.04 -26.09 30.05
C PRO B 194 11.91 -25.96 31.05
N ASP B 195 12.10 -25.24 32.14
CA ASP B 195 11.00 -25.07 33.09
C ASP B 195 10.06 -23.88 32.81
N ALA B 196 10.09 -23.31 31.60
CA ALA B 196 9.09 -22.29 31.26
C ALA B 196 7.68 -22.88 31.29
N ARG B 197 6.78 -22.20 32.00
CA ARG B 197 5.39 -22.65 32.13
C ARG B 197 4.44 -21.76 31.33
N LEU B 198 3.46 -22.35 30.65
CA LEU B 198 2.43 -21.61 29.90
C LEU B 198 1.46 -20.88 30.86
N LEU B 199 1.36 -19.57 30.74
CA LEU B 199 0.46 -18.81 31.59
C LEU B 199 -0.87 -18.80 30.89
N ASP B 200 -1.94 -19.00 31.62
CA ASP B 200 -3.25 -18.91 31.00
C ASP B 200 -3.85 -17.48 31.10
N VAL B 201 -3.30 -16.66 31.97
CA VAL B 201 -3.66 -15.26 32.02
C VAL B 201 -2.47 -14.44 32.50
N ILE B 202 -2.40 -13.19 32.08
CA ILE B 202 -1.32 -12.29 32.52
C ILE B 202 -1.83 -10.95 33.03
N GLY B 203 -1.02 -10.34 33.90
CA GLY B 203 -1.42 -9.17 34.68
C GLY B 203 -0.33 -8.13 34.78
N SER B 204 0.91 -8.57 34.85
CA SER B 204 2.03 -7.66 34.85
C SER B 204 3.11 -8.39 34.14
N LEU B 205 4.19 -7.72 33.75
CA LEU B 205 5.41 -8.50 33.55
C LEU B 205 5.74 -9.37 34.85
N ASP B 206 5.87 -10.69 34.63
CA ASP B 206 6.00 -11.72 35.69
C ASP B 206 7.39 -12.40 35.67
N GLY B 222 10.24 -8.74 20.09
CA GLY B 222 10.02 -10.12 20.50
C GLY B 222 8.78 -10.30 21.38
N MSE B 223 8.72 -11.39 22.13
CA MSE B 223 7.51 -11.64 22.89
C MSE B 223 7.36 -10.70 24.09
O MSE B 223 6.24 -10.47 24.54
CB MSE B 223 7.42 -13.09 23.37
CG MSE B 223 6.30 -13.30 24.35
SE MSE B 223 4.55 -13.27 23.66
CE MSE B 223 4.44 -14.89 22.53
N VAL B 224 8.46 -10.14 24.58
CA VAL B 224 8.33 -9.15 25.67
C VAL B 224 7.76 -7.87 25.10
N GLY B 225 8.44 -7.37 24.07
CA GLY B 225 7.82 -6.29 23.29
C GLY B 225 6.28 -6.44 23.16
N LYS B 226 5.83 -7.59 22.69
CA LYS B 226 4.44 -7.81 22.43
C LYS B 226 3.60 -7.58 23.69
N ILE B 227 4.05 -8.09 24.83
CA ILE B 227 3.27 -8.08 26.05
C ILE B 227 3.23 -6.69 26.59
N ARG B 228 4.27 -5.90 26.32
CA ARG B 228 4.33 -4.58 26.95
C ARG B 228 3.22 -3.77 26.28
N GLU B 229 3.22 -3.91 24.95
CA GLU B 229 2.32 -3.25 24.11
C GLU B 229 0.91 -3.62 24.57
N LEU B 230 0.62 -4.91 24.55
CA LEU B 230 -0.68 -5.42 25.03
C LEU B 230 -1.00 -5.01 26.45
N LEU B 231 -0.02 -4.81 27.30
CA LEU B 231 -0.36 -4.50 28.66
C LEU B 231 -0.89 -3.04 28.72
N LEU B 232 -0.42 -2.18 27.80
CA LEU B 232 -0.99 -0.82 27.61
C LEU B 232 -2.49 -0.91 27.27
N LEU B 233 -2.81 -1.87 26.40
CA LEU B 233 -4.18 -2.03 25.93
C LEU B 233 -5.13 -2.59 27.02
N ALA B 234 -4.66 -3.60 27.72
CA ALA B 234 -5.46 -4.23 28.76
C ALA B 234 -5.69 -3.18 29.84
N GLU B 235 -4.69 -2.34 30.09
CA GLU B 235 -4.87 -1.31 31.13
C GLU B 235 -5.96 -0.28 30.75
N LYS B 236 -6.26 -0.10 29.44
CA LYS B 236 -7.38 0.76 28.98
C LYS B 236 -8.66 -0.05 28.80
N GLY B 237 -8.70 -1.25 29.39
CA GLY B 237 -9.95 -2.00 29.45
C GLY B 237 -10.29 -2.87 28.27
N VAL B 238 -9.30 -3.18 27.41
CA VAL B 238 -9.49 -4.13 26.35
C VAL B 238 -8.54 -5.33 26.49
N GLU B 239 -9.09 -6.54 26.47
CA GLU B 239 -8.30 -7.72 26.77
C GLU B 239 -8.00 -8.43 25.48
N SER B 240 -6.84 -9.05 25.39
CA SER B 240 -6.47 -9.81 24.19
C SER B 240 -6.14 -11.26 24.51
N GLU B 241 -6.02 -12.07 23.48
CA GLU B 241 -5.71 -13.47 23.65
C GLU B 241 -4.57 -13.77 22.72
N ILE B 242 -3.64 -14.58 23.18
CA ILE B 242 -2.51 -15.02 22.38
C ILE B 242 -2.61 -16.53 22.21
N ILE B 243 -2.70 -16.98 20.96
CA ILE B 243 -2.85 -18.36 20.59
C ILE B 243 -1.81 -18.72 19.56
N ASN B 244 -1.53 -20.00 19.39
CA ASN B 244 -0.60 -20.44 18.37
C ASN B 244 -1.31 -20.57 17.03
N ALA B 245 -0.95 -19.73 16.05
CA ALA B 245 -1.51 -19.81 14.71
C ALA B 245 -0.89 -20.98 13.93
N ALA B 246 0.29 -21.43 14.31
CA ALA B 246 0.92 -22.57 13.59
C ALA B 246 0.17 -23.90 13.84
N VAL B 247 -0.85 -23.87 14.70
CA VAL B 247 -1.56 -25.08 15.09
C VAL B 247 -2.92 -25.08 14.41
N PRO B 248 -3.14 -26.06 13.52
CA PRO B 248 -4.40 -26.19 12.79
C PRO B 248 -5.66 -25.99 13.62
N GLY B 249 -6.59 -25.27 13.02
CA GLY B 249 -7.91 -25.03 13.61
C GLY B 249 -7.94 -23.94 14.66
N ASN B 250 -6.79 -23.61 15.23
CA ASN B 250 -6.77 -22.65 16.33
C ASN B 250 -7.40 -21.32 15.89
N ILE B 251 -6.92 -20.74 14.80
CA ILE B 251 -7.57 -19.52 14.28
C ILE B 251 -9.09 -19.70 14.06
N GLU B 252 -9.45 -20.86 13.54
CA GLU B 252 -10.83 -21.08 13.15
C GLU B 252 -11.65 -21.20 14.41
N ARG B 253 -11.14 -21.90 15.41
CA ARG B 253 -11.89 -21.95 16.64
C ARG B 253 -11.90 -20.62 17.38
N ALA B 254 -10.80 -19.89 17.39
CA ALA B 254 -10.78 -18.64 18.14
C ALA B 254 -11.81 -17.76 17.51
N LEU B 255 -11.81 -17.73 16.19
CA LEU B 255 -12.74 -16.90 15.46
C LEU B 255 -14.19 -17.38 15.64
N LEU B 256 -14.36 -18.67 15.96
CA LEU B 256 -15.70 -19.22 16.29
C LEU B 256 -16.10 -18.97 17.76
N GLY B 257 -15.12 -18.71 18.64
CA GLY B 257 -15.42 -18.39 20.01
C GLY B 257 -15.50 -19.65 20.83
N GLU B 258 -14.78 -20.67 20.40
CA GLU B 258 -14.74 -21.92 21.12
C GLU B 258 -13.36 -21.99 21.70
N GLU B 259 -13.24 -21.71 22.99
CA GLU B 259 -11.93 -21.54 23.61
C GLU B 259 -10.85 -22.49 23.08
N VAL B 260 -9.64 -21.93 23.04
CA VAL B 260 -8.44 -22.54 22.45
C VAL B 260 -7.33 -22.40 23.49
N ARG B 261 -6.23 -23.12 23.36
CA ARG B 261 -5.11 -22.95 24.32
C ARG B 261 -4.42 -21.62 24.06
N GLY B 262 -4.26 -20.83 25.11
CA GLY B 262 -3.50 -19.62 24.99
C GLY B 262 -3.49 -18.87 26.30
N THR B 263 -3.08 -17.62 26.25
CA THR B 263 -3.02 -16.73 27.40
C THR B 263 -3.96 -15.55 27.17
N ARG B 264 -4.77 -15.15 28.15
CA ARG B 264 -5.48 -13.86 28.08
C ARG B 264 -4.63 -12.81 28.75
N ILE B 265 -4.56 -11.60 28.19
CA ILE B 265 -3.87 -10.48 28.86
C ILE B 265 -5.00 -9.62 29.50
N THR B 266 -4.89 -9.20 30.77
CA THR B 266 -5.98 -8.51 31.53
C THR B 266 -5.48 -7.21 32.17
PB ADP C . -1.72 6.32 -20.96
O1B ADP C . -0.37 6.94 -21.16
O2B ADP C . -1.69 4.78 -20.85
O3B ADP C . -2.59 7.07 -19.95
PA ADP C . -4.02 6.72 -22.75
O1A ADP C . -4.67 7.82 -21.93
O2A ADP C . -4.60 5.30 -22.76
O3A ADP C . -2.43 6.67 -22.42
O5' ADP C . -4.13 7.34 -24.25
C5' ADP C . -3.18 7.11 -25.28
C4' ADP C . -3.93 6.59 -26.50
O4' ADP C . -5.14 7.31 -26.78
C3' ADP C . -3.13 6.67 -27.78
O3' ADP C . -2.24 5.55 -27.82
C2' ADP C . -4.21 6.65 -28.87
O2' ADP C . -4.45 5.32 -29.35
C1' ADP C . -5.47 7.09 -28.17
N9 ADP C . -6.01 8.35 -28.73
C8 ADP C . -7.31 8.58 -28.95
N7 ADP C . -7.49 9.83 -29.45
C5 ADP C . -6.28 10.41 -29.50
C6 ADP C . -5.79 11.72 -29.94
N6 ADP C . -6.72 12.60 -30.39
N1 ADP C . -4.44 11.95 -29.88
C2 ADP C . -3.57 11.03 -29.41
N3 ADP C . -3.96 9.78 -29.02
C4 ADP C . -5.28 9.44 -29.03
C1 GOL D . 9.99 -5.00 10.85
O1 GOL D . 10.52 -4.16 9.82
C2 GOL D . 8.52 -5.09 10.43
O2 GOL D . 8.24 -3.98 9.53
C3 GOL D . 7.55 -5.23 11.61
O3 GOL D . 7.13 -6.56 11.84
PB ADP E . 5.29 -13.02 16.18
O1B ADP E . 3.91 -13.62 16.45
O2B ADP E . 5.89 -13.46 14.82
O3B ADP E . 5.39 -11.54 16.50
PA ADP E . 7.69 -13.19 17.81
O1A ADP E . 7.74 -11.69 17.83
O2A ADP E . 8.81 -13.95 17.15
O3A ADP E . 6.24 -13.74 17.28
O5' ADP E . 7.50 -13.68 19.34
C5' ADP E . 7.30 -15.08 19.59
C4' ADP E . 8.59 -15.66 20.12
O4' ADP E . 9.02 -15.10 21.37
C3' ADP E . 8.44 -17.12 20.42
O3' ADP E . 8.78 -17.88 19.27
C2' ADP E . 9.43 -17.41 21.55
O2' ADP E . 10.58 -18.04 21.00
C1' ADP E . 9.85 -16.05 22.09
N9 ADP E . 9.63 -15.86 23.54
C8 ADP E . 10.48 -15.19 24.32
N7 ADP E . 9.98 -15.11 25.57
C5 ADP E . 8.77 -15.75 25.57
C6 ADP E . 7.79 -16.05 26.61
N6 ADP E . 8.05 -15.56 27.84
N1 ADP E . 6.70 -16.78 26.29
C2 ADP E . 6.48 -17.19 25.00
N3 ADP E . 7.38 -17.00 24.00
C4 ADP E . 8.53 -16.27 24.24
#